data_4N7V
#
_entry.id   4N7V
#
_cell.length_a   126.551
_cell.length_b   63.942
_cell.length_c   79.499
_cell.angle_alpha   90.00
_cell.angle_beta   90.00
_cell.angle_gamma   90.00
#
_symmetry.space_group_name_H-M   'P 21 21 2'
#
loop_
_entity.id
_entity.type
_entity.pdbx_description
1 polymer 'Serine/threonine-protein kinase PLK4'
2 polymer 'Centrosomal protein of 152 kDa'
3 water water
#
loop_
_entity_poly.entity_id
_entity_poly.type
_entity_poly.pdbx_seq_one_letter_code
_entity_poly.pdbx_strand_id
1 'polypeptide(L)'
;WGYQNRTLRSITSPLVAHRLKPIRQKTKKAVVSILDSEEVCVELVKEYASQEYVKEVLQISSDGNTITIYYPNGGRGFPL
ADRPPSPTDNISRYSFDNLPEKYWRKYQYASRFVQLVRSKSPKITYFTRYAKCILMENSPGADFEVWFYDGVKIHKTEDF
IQVIEKTGKSYTLKSESEVNSLKEEIKMYMDHANEGHRICLALESIISEEERKTRSAPFFPIIIGRKPG
;
A,B
2 'polypeptide(L)' MSLDFGSVALPVQNEDEEYDEEDYEREKELQQLLTDLPHDMLDDDLSSPELQYSDCSEDG C
#
# COMPACT_ATOMS: atom_id res chain seq x y z
N THR A 7 -25.30 -31.01 -10.44
CA THR A 7 -25.89 -29.67 -10.27
C THR A 7 -24.80 -28.60 -10.17
N LEU A 8 -25.04 -27.39 -10.68
CA LEU A 8 -24.11 -26.28 -10.46
C LEU A 8 -23.87 -26.16 -8.98
N ARG A 9 -22.59 -26.10 -8.61
CA ARG A 9 -22.10 -26.33 -7.24
C ARG A 9 -21.65 -27.79 -7.09
N SER A 10 -21.85 -28.59 -8.12
CA SER A 10 -21.12 -29.85 -8.19
C SER A 10 -19.75 -29.36 -8.52
N ILE A 11 -19.69 -28.74 -9.70
CA ILE A 11 -18.42 -28.37 -10.33
C ILE A 11 -17.75 -27.15 -9.69
N THR A 12 -18.52 -26.13 -9.36
CA THR A 12 -17.96 -24.82 -9.03
C THR A 12 -18.51 -24.15 -7.76
N SER A 13 -17.72 -23.25 -7.20
CA SER A 13 -18.09 -22.52 -6.00
C SER A 13 -18.31 -21.05 -6.38
N PRO A 14 -19.20 -20.39 -5.63
CA PRO A 14 -19.59 -19.03 -5.97
C PRO A 14 -18.36 -18.15 -5.99
N LEU A 15 -18.27 -17.33 -7.04
CA LEU A 15 -17.11 -16.49 -7.28
C LEU A 15 -16.98 -15.40 -6.22
N VAL A 16 -15.76 -14.90 -6.03
CA VAL A 16 -15.50 -13.82 -5.09
C VAL A 16 -14.77 -12.67 -5.77
N ALA A 17 -15.48 -11.57 -5.98
CA ALA A 17 -14.90 -10.43 -6.70
C ALA A 17 -14.68 -9.21 -5.81
N HIS A 18 -14.67 -9.43 -4.50
CA HIS A 18 -14.41 -8.35 -3.57
C HIS A 18 -12.99 -7.79 -3.73
N ARG A 19 -12.86 -6.49 -3.48
CA ARG A 19 -11.57 -5.79 -3.49
C ARG A 19 -10.91 -5.71 -4.87
N LEU A 20 -11.55 -6.25 -5.90
CA LEU A 20 -10.98 -6.22 -7.25
C LEU A 20 -11.18 -4.87 -7.93
N LYS A 21 -10.22 -4.50 -8.77
CA LYS A 21 -10.27 -3.25 -9.51
C LYS A 21 -11.14 -3.37 -10.76
N PRO A 22 -11.82 -2.28 -11.14
CA PRO A 22 -12.70 -2.26 -12.32
C PRO A 22 -11.96 -2.52 -13.61
N ILE A 23 -12.43 -3.49 -14.38
CA ILE A 23 -11.79 -3.92 -15.61
C ILE A 23 -12.83 -4.35 -16.64
N ARG A 24 -12.68 -3.85 -17.87
CA ARG A 24 -13.56 -4.26 -18.96
C ARG A 24 -12.77 -4.96 -20.05
N GLN A 25 -13.32 -6.03 -20.60
CA GLN A 25 -12.63 -6.81 -21.62
C GLN A 25 -13.49 -7.08 -22.86
N LYS A 26 -13.19 -6.47 -23.97
CA LYS A 26 -13.88 -6.73 -25.21
C LYS A 26 -13.46 -8.04 -25.74
N THR A 27 -14.20 -8.55 -26.66
CA THR A 27 -13.84 -9.75 -27.41
C THR A 27 -14.84 -10.00 -28.54
N LYS A 28 -14.46 -10.87 -29.47
CA LYS A 28 -15.29 -11.16 -30.64
C LYS A 28 -16.70 -11.64 -30.29
N LYS A 29 -16.84 -12.29 -29.15
CA LYS A 29 -18.12 -12.88 -28.74
C LYS A 29 -18.87 -12.02 -27.72
N ALA A 30 -18.23 -11.72 -26.60
CA ALA A 30 -18.90 -11.07 -25.48
C ALA A 30 -18.03 -10.05 -24.76
N VAL A 31 -18.63 -9.30 -23.85
CA VAL A 31 -17.88 -8.35 -23.02
C VAL A 31 -18.02 -8.69 -21.54
N VAL A 32 -16.96 -9.22 -20.95
CA VAL A 32 -16.95 -9.56 -19.53
C VAL A 32 -16.21 -8.49 -18.75
N SER A 33 -16.81 -8.04 -17.65
CA SER A 33 -16.24 -6.93 -16.89
C SER A 33 -16.51 -7.01 -15.39
N ILE A 34 -15.77 -6.19 -14.64
CA ILE A 34 -16.00 -6.02 -13.22
C ILE A 34 -16.25 -4.55 -12.95
N LEU A 35 -17.43 -4.23 -12.45
CA LEU A 35 -17.82 -2.83 -12.26
C LEU A 35 -17.22 -2.20 -11.00
N ASP A 36 -17.52 -0.91 -10.82
CA ASP A 36 -17.04 -0.17 -9.65
C ASP A 36 -17.68 -0.66 -8.37
N SER A 37 -18.85 -1.29 -8.49
CA SER A 37 -19.54 -1.87 -7.34
C SER A 37 -19.06 -3.30 -7.12
N GLU A 38 -18.00 -3.68 -7.83
CA GLU A 38 -17.38 -5.00 -7.72
C GLU A 38 -18.31 -6.12 -8.14
N GLU A 39 -19.32 -5.80 -8.94
CA GLU A 39 -20.20 -6.81 -9.50
C GLU A 39 -19.69 -7.28 -10.86
N VAL A 40 -19.77 -8.58 -11.09
CA VAL A 40 -19.30 -9.15 -12.35
C VAL A 40 -20.40 -9.14 -13.42
N CYS A 41 -20.13 -8.51 -14.55
CA CYS A 41 -21.12 -8.40 -15.61
C CYS A 41 -20.66 -9.12 -16.87
N VAL A 42 -21.51 -10.01 -17.38
CA VAL A 42 -21.22 -10.77 -18.59
C VAL A 42 -22.26 -10.45 -19.66
N GLU A 43 -21.83 -9.82 -20.74
CA GLU A 43 -22.74 -9.37 -21.79
C GLU A 43 -22.46 -10.08 -23.11
N LEU A 44 -23.38 -10.94 -23.55
CA LEU A 44 -23.26 -11.58 -24.85
C LEU A 44 -23.47 -10.58 -25.99
N VAL A 45 -22.63 -10.65 -27.01
CA VAL A 45 -22.63 -9.63 -28.06
C VAL A 45 -22.76 -10.21 -29.47
N LYS A 46 -23.61 -9.59 -30.29
CA LYS A 46 -23.82 -10.00 -31.68
C LYS A 46 -23.64 -8.81 -32.62
N GLU A 47 -23.12 -9.08 -33.82
CA GLU A 47 -22.78 -8.01 -34.76
C GLU A 47 -23.77 -7.99 -35.94
N TYR A 48 -24.31 -6.81 -36.22
CA TYR A 48 -25.29 -6.63 -37.30
C TYR A 48 -25.24 -5.20 -37.87
N ALA A 49 -25.23 -5.09 -39.19
CA ALA A 49 -25.17 -3.80 -39.89
C ALA A 49 -23.90 -3.04 -39.50
N SER A 50 -22.79 -3.76 -39.43
CA SER A 50 -21.48 -3.22 -39.05
C SER A 50 -21.49 -2.57 -37.66
N GLN A 51 -22.41 -3.01 -36.81
CA GLN A 51 -22.52 -2.49 -35.45
C GLN A 51 -22.96 -3.58 -34.47
N GLU A 52 -22.41 -3.55 -33.25
CA GLU A 52 -22.61 -4.65 -32.31
C GLU A 52 -23.87 -4.58 -31.46
N TYR A 53 -24.50 -5.74 -31.28
CA TYR A 53 -25.76 -5.83 -30.52
C TYR A 53 -25.66 -6.82 -29.37
N VAL A 54 -26.34 -6.52 -28.27
CA VAL A 54 -26.24 -7.32 -27.05
C VAL A 54 -27.52 -8.14 -26.84
N LYS A 55 -27.38 -9.46 -26.83
CA LYS A 55 -28.52 -10.36 -26.73
C LYS A 55 -28.78 -11.00 -25.35
N GLU A 56 -27.93 -10.73 -24.38
CA GLU A 56 -28.11 -11.27 -23.04
C GLU A 56 -27.08 -10.69 -22.06
N VAL A 57 -27.55 -10.36 -20.85
CA VAL A 57 -26.67 -9.80 -19.83
C VAL A 57 -26.75 -10.57 -18.51
N LEU A 58 -25.63 -11.17 -18.10
CA LEU A 58 -25.54 -11.78 -16.78
C LEU A 58 -24.80 -10.88 -15.80
N GLN A 59 -25.39 -10.65 -14.64
CA GLN A 59 -24.75 -9.83 -13.62
C GLN A 59 -24.75 -10.58 -12.30
N ILE A 60 -23.55 -10.82 -11.78
CA ILE A 60 -23.37 -11.61 -10.57
C ILE A 60 -22.93 -10.74 -9.41
N SER A 61 -23.51 -10.96 -8.24
CA SER A 61 -23.18 -10.20 -7.05
C SER A 61 -21.71 -10.36 -6.66
N SER A 62 -21.23 -9.46 -5.82
CA SER A 62 -19.85 -9.44 -5.38
C SER A 62 -19.46 -10.72 -4.63
N ASP A 63 -20.43 -11.32 -3.95
CA ASP A 63 -20.19 -12.57 -3.22
C ASP A 63 -20.55 -13.78 -4.06
N GLY A 64 -21.06 -13.53 -5.26
CA GLY A 64 -21.36 -14.58 -6.22
C GLY A 64 -22.62 -15.39 -5.90
N ASN A 65 -23.38 -14.92 -4.91
CA ASN A 65 -24.59 -15.61 -4.48
C ASN A 65 -25.84 -15.21 -5.26
N THR A 66 -25.86 -13.98 -5.77
CA THR A 66 -27.03 -13.47 -6.48
C THR A 66 -26.74 -13.21 -7.96
N ILE A 67 -27.56 -13.81 -8.82
CA ILE A 67 -27.38 -13.67 -10.27
C ILE A 67 -28.61 -13.03 -10.91
N THR A 68 -28.40 -11.95 -11.65
CA THR A 68 -29.46 -11.27 -12.38
C THR A 68 -29.27 -11.36 -13.89
N ILE A 69 -30.27 -11.87 -14.59
CA ILE A 69 -30.18 -12.07 -16.03
C ILE A 69 -31.34 -11.39 -16.73
N TYR A 70 -31.05 -10.49 -17.66
CA TYR A 70 -32.12 -9.82 -18.40
C TYR A 70 -31.92 -9.82 -19.91
N TYR A 71 -33.00 -10.10 -20.62
CA TYR A 71 -33.00 -10.06 -22.08
C TYR A 71 -33.76 -8.80 -22.52
N PRO A 72 -33.03 -7.85 -23.08
CA PRO A 72 -33.70 -6.58 -23.38
C PRO A 72 -34.34 -6.92 -24.67
N ASN A 73 -35.19 -7.94 -24.61
CA ASN A 73 -35.55 -8.58 -25.85
C ASN A 73 -36.24 -7.47 -26.66
N GLY A 74 -35.72 -7.26 -27.86
CA GLY A 74 -36.22 -6.27 -28.80
C GLY A 74 -35.57 -6.54 -30.14
N GLY A 75 -36.07 -5.93 -31.20
CA GLY A 75 -35.37 -6.02 -32.46
C GLY A 75 -34.04 -5.30 -32.33
N ARG A 76 -32.98 -5.93 -32.80
CA ARG A 76 -31.64 -5.33 -32.78
C ARG A 76 -30.95 -5.43 -31.43
N GLY A 77 -31.58 -6.12 -30.47
CA GLY A 77 -31.01 -6.32 -29.16
C GLY A 77 -30.69 -5.02 -28.43
N PHE A 78 -29.47 -4.95 -27.88
CA PHE A 78 -29.00 -3.74 -27.21
C PHE A 78 -27.75 -3.19 -27.89
N PRO A 79 -27.70 -1.87 -28.10
CA PRO A 79 -26.51 -1.23 -28.67
C PRO A 79 -25.33 -1.29 -27.71
N LEU A 80 -24.22 -1.85 -28.16
CA LEU A 80 -23.03 -2.02 -27.33
C LEU A 80 -22.39 -0.68 -26.94
N ALA A 81 -22.21 -0.47 -25.64
CA ALA A 81 -21.57 0.74 -25.14
C ALA A 81 -20.33 0.40 -24.32
N ASP A 82 -19.83 1.39 -23.57
CA ASP A 82 -18.65 1.18 -22.74
C ASP A 82 -19.04 0.81 -21.30
N ARG A 83 -20.33 0.93 -21.00
CA ARG A 83 -20.84 0.52 -19.69
C ARG A 83 -22.03 -0.40 -19.88
N PRO A 84 -22.19 -1.38 -18.98
CA PRO A 84 -23.33 -2.31 -19.01
C PRO A 84 -24.65 -1.56 -19.01
N PRO A 85 -25.59 -1.99 -19.88
CA PRO A 85 -26.87 -1.30 -20.08
C PRO A 85 -27.82 -1.46 -18.91
N SER A 86 -28.75 -0.52 -18.77
CA SER A 86 -29.75 -0.57 -17.72
C SER A 86 -30.71 -1.73 -17.98
N PRO A 87 -31.08 -2.45 -16.91
CA PRO A 87 -31.96 -3.62 -17.02
C PRO A 87 -33.35 -3.25 -17.53
N THR A 88 -33.95 -4.14 -18.30
CA THR A 88 -35.28 -3.91 -18.86
C THR A 88 -36.36 -4.30 -17.87
N ASP A 89 -37.46 -4.85 -18.38
CA ASP A 89 -38.57 -5.28 -17.54
C ASP A 89 -38.72 -6.80 -17.52
N ASN A 90 -38.34 -7.45 -18.61
CA ASN A 90 -38.32 -8.90 -18.66
C ASN A 90 -37.00 -9.42 -18.09
N ILE A 91 -36.84 -9.26 -16.79
CA ILE A 91 -35.60 -9.61 -16.12
C ILE A 91 -35.78 -10.78 -15.16
N SER A 92 -34.66 -11.29 -14.63
CA SER A 92 -34.70 -12.43 -13.74
C SER A 92 -33.70 -12.26 -12.59
N ARG A 93 -33.93 -12.98 -11.50
CA ARG A 93 -32.97 -13.00 -10.38
C ARG A 93 -33.04 -14.33 -9.62
N TYR A 94 -31.91 -15.01 -9.52
CA TYR A 94 -31.83 -16.30 -8.86
C TYR A 94 -30.71 -16.30 -7.84
N SER A 95 -30.83 -17.17 -6.84
CA SER A 95 -29.72 -17.44 -5.93
C SER A 95 -28.76 -18.36 -6.64
N PHE A 96 -27.58 -18.57 -6.06
CA PHE A 96 -26.58 -19.42 -6.69
C PHE A 96 -27.08 -20.85 -6.86
N ASP A 97 -27.77 -21.37 -5.85
CA ASP A 97 -28.28 -22.74 -5.88
C ASP A 97 -29.51 -22.91 -6.76
N ASN A 98 -30.26 -21.83 -6.95
CA ASN A 98 -31.49 -21.89 -7.75
C ASN A 98 -31.30 -21.47 -9.20
N LEU A 99 -30.05 -21.25 -9.60
CA LEU A 99 -29.74 -20.94 -10.98
C LEU A 99 -30.07 -22.13 -11.87
N PRO A 100 -30.84 -21.89 -12.95
CA PRO A 100 -31.28 -22.94 -13.89
C PRO A 100 -30.10 -23.71 -14.49
N GLU A 101 -30.40 -24.82 -15.16
CA GLU A 101 -29.36 -25.61 -15.81
C GLU A 101 -28.70 -24.82 -16.93
N LYS A 102 -29.49 -23.94 -17.55
CA LYS A 102 -28.97 -22.97 -18.51
C LYS A 102 -28.07 -22.01 -17.73
N TYR A 103 -27.26 -21.23 -18.45
CA TYR A 103 -26.35 -20.23 -17.85
C TYR A 103 -25.16 -20.84 -17.11
N TRP A 104 -25.21 -22.13 -16.82
CA TRP A 104 -24.15 -22.80 -16.07
C TRP A 104 -22.80 -22.73 -16.76
N ARG A 105 -22.82 -22.79 -18.09
CA ARG A 105 -21.60 -22.64 -18.89
C ARG A 105 -21.07 -21.22 -18.76
N LYS A 106 -21.96 -20.27 -18.49
CA LYS A 106 -21.60 -18.85 -18.45
C LYS A 106 -21.15 -18.39 -17.07
N TYR A 107 -21.67 -19.03 -16.02
CA TYR A 107 -21.26 -18.71 -14.66
C TYR A 107 -19.86 -19.27 -14.42
N GLN A 108 -19.59 -20.42 -15.01
CA GLN A 108 -18.29 -21.07 -14.90
C GLN A 108 -17.21 -20.25 -15.62
N TYR A 109 -17.60 -19.64 -16.73
CA TYR A 109 -16.71 -18.76 -17.47
C TYR A 109 -16.40 -17.53 -16.63
N ALA A 110 -17.43 -16.95 -16.04
CA ALA A 110 -17.27 -15.76 -15.20
C ALA A 110 -16.47 -16.07 -13.94
N SER A 111 -16.56 -17.31 -13.48
CA SER A 111 -15.81 -17.73 -12.30
C SER A 111 -14.32 -17.83 -12.61
N ARG A 112 -13.99 -18.27 -13.81
CA ARG A 112 -12.60 -18.38 -14.26
C ARG A 112 -12.02 -16.99 -14.47
N PHE A 113 -12.82 -16.11 -15.04
CA PHE A 113 -12.42 -14.72 -15.29
C PHE A 113 -12.02 -14.04 -14.00
N VAL A 114 -12.84 -14.20 -12.96
CA VAL A 114 -12.58 -13.61 -11.66
C VAL A 114 -11.34 -14.22 -11.03
N GLN A 115 -11.26 -15.54 -11.06
CA GLN A 115 -10.13 -16.28 -10.49
C GLN A 115 -8.82 -15.91 -11.16
N LEU A 116 -8.89 -15.54 -12.44
CA LEU A 116 -7.72 -15.09 -13.18
C LEU A 116 -7.31 -13.70 -12.72
N VAL A 117 -8.29 -12.82 -12.56
CA VAL A 117 -8.05 -11.45 -12.13
C VAL A 117 -7.43 -11.41 -10.73
N ARG A 118 -7.94 -12.25 -9.83
CA ARG A 118 -7.43 -12.30 -8.46
C ARG A 118 -6.00 -12.82 -8.42
N SER A 119 -5.64 -13.65 -9.40
CA SER A 119 -4.29 -14.19 -9.47
C SER A 119 -3.28 -13.14 -9.93
N LYS A 120 -3.77 -11.97 -10.31
CA LYS A 120 -2.93 -10.85 -10.72
C LYS A 120 -3.32 -9.59 -9.96
N SER A 121 -3.92 -9.77 -8.79
CA SER A 121 -4.30 -8.65 -7.95
C SER A 121 -3.54 -8.71 -6.64
N PRO A 122 -2.67 -7.72 -6.40
CA PRO A 122 -1.87 -7.66 -5.18
C PRO A 122 -2.71 -7.47 -3.93
N LYS A 123 -2.48 -8.32 -2.92
CA LYS A 123 -3.17 -8.19 -1.65
C LYS A 123 -2.20 -7.57 -0.64
N ILE A 124 -0.97 -8.08 -0.64
CA ILE A 124 0.09 -7.54 0.20
C ILE A 124 1.36 -7.32 -0.60
N THR A 125 1.86 -6.09 -0.59
CA THR A 125 3.12 -5.77 -1.22
C THR A 125 4.16 -5.48 -0.15
N TYR A 126 5.24 -6.27 -0.15
CA TYR A 126 6.28 -6.15 0.87
C TYR A 126 7.65 -5.88 0.24
N PHE A 127 8.31 -4.83 0.72
CA PHE A 127 9.63 -4.46 0.21
C PHE A 127 10.73 -4.88 1.16
N THR A 128 11.53 -5.86 0.75
CA THR A 128 12.68 -6.30 1.52
C THR A 128 13.91 -5.51 1.11
N ARG A 129 15.06 -5.88 1.67
CA ARG A 129 16.33 -5.25 1.31
C ARG A 129 16.74 -5.65 -0.11
N TYR A 130 16.32 -6.84 -0.54
CA TYR A 130 16.78 -7.38 -1.81
C TYR A 130 15.69 -7.50 -2.88
N ALA A 131 14.42 -7.47 -2.46
CA ALA A 131 13.34 -7.77 -3.41
C ALA A 131 12.01 -7.07 -3.10
N LYS A 132 11.13 -7.10 -4.09
CA LYS A 132 9.74 -6.66 -3.95
C LYS A 132 8.85 -7.90 -3.90
N CYS A 133 8.15 -8.09 -2.79
CA CYS A 133 7.31 -9.28 -2.61
C CYS A 133 5.83 -8.95 -2.73
N ILE A 134 5.09 -9.79 -3.46
CA ILE A 134 3.67 -9.58 -3.67
C ILE A 134 2.86 -10.86 -3.46
N LEU A 135 2.01 -10.85 -2.44
CA LEU A 135 1.04 -11.92 -2.24
C LEU A 135 -0.26 -11.54 -2.95
N MET A 136 -0.77 -12.43 -3.80
CA MET A 136 -1.93 -12.13 -4.63
C MET A 136 -3.27 -12.41 -3.93
N GLU A 137 -4.37 -12.20 -4.66
CA GLU A 137 -5.72 -12.26 -4.09
C GLU A 137 -6.42 -13.61 -4.21
N ASN A 138 -5.85 -14.54 -4.97
CA ASN A 138 -6.51 -15.83 -5.19
C ASN A 138 -6.31 -16.83 -4.05
N SER A 139 -6.91 -16.52 -2.91
CA SER A 139 -6.84 -17.39 -1.74
C SER A 139 -7.93 -18.47 -1.84
N PRO A 140 -7.68 -19.65 -1.26
CA PRO A 140 -6.49 -20.03 -0.48
C PRO A 140 -5.34 -20.45 -1.38
N GLY A 141 -4.12 -20.39 -0.85
CA GLY A 141 -2.94 -20.74 -1.60
C GLY A 141 -2.73 -19.79 -2.75
N ALA A 142 -2.69 -18.50 -2.45
CA ALA A 142 -2.52 -17.48 -3.48
C ALA A 142 -1.13 -17.51 -4.11
N ASP A 143 -1.04 -17.03 -5.35
CA ASP A 143 0.23 -16.93 -6.04
C ASP A 143 1.16 -15.95 -5.32
N PHE A 144 2.46 -16.24 -5.33
CA PHE A 144 3.43 -15.36 -4.70
C PHE A 144 4.53 -14.99 -5.69
N GLU A 145 4.73 -13.69 -5.89
CA GLU A 145 5.66 -13.21 -6.89
C GLU A 145 6.76 -12.36 -6.27
N VAL A 146 8.01 -12.70 -6.59
CA VAL A 146 9.16 -12.00 -6.03
C VAL A 146 10.06 -11.40 -7.09
N TRP A 147 10.08 -10.08 -7.18
CA TRP A 147 10.97 -9.38 -8.11
C TRP A 147 12.16 -8.79 -7.38
N PHE A 148 13.27 -9.50 -7.40
CA PHE A 148 14.51 -9.02 -6.81
C PHE A 148 15.01 -7.79 -7.56
N TYR A 149 15.54 -6.81 -6.82
CA TYR A 149 16.14 -5.64 -7.45
C TYR A 149 17.36 -6.13 -8.22
N ASP A 150 17.92 -7.24 -7.77
CA ASP A 150 19.03 -7.92 -8.42
C ASP A 150 18.69 -8.31 -9.85
N GLY A 151 17.41 -8.55 -10.12
CA GLY A 151 16.92 -8.85 -11.46
C GLY A 151 16.26 -10.21 -11.61
N VAL A 152 16.43 -11.05 -10.59
CA VAL A 152 15.84 -12.39 -10.60
C VAL A 152 14.36 -12.35 -10.24
N LYS A 153 13.57 -13.16 -10.95
CA LYS A 153 12.14 -13.24 -10.69
C LYS A 153 11.76 -14.64 -10.20
N ILE A 154 10.96 -14.69 -9.15
CA ILE A 154 10.48 -15.97 -8.61
C ILE A 154 8.95 -15.98 -8.51
N HIS A 155 8.34 -17.02 -9.08
CA HIS A 155 6.89 -17.13 -9.14
C HIS A 155 6.39 -18.40 -8.45
N LYS A 156 5.77 -18.23 -7.29
CA LYS A 156 5.29 -19.37 -6.51
C LYS A 156 3.80 -19.63 -6.69
N THR A 157 3.46 -20.88 -7.00
CA THR A 157 2.08 -21.33 -7.08
C THR A 157 1.91 -22.46 -6.07
N GLU A 158 0.68 -22.88 -5.83
CA GLU A 158 0.41 -24.00 -4.94
C GLU A 158 1.03 -25.28 -5.49
N ASP A 159 1.24 -25.31 -6.80
CA ASP A 159 1.82 -26.48 -7.46
C ASP A 159 3.25 -26.23 -7.91
N PHE A 160 3.54 -25.00 -8.35
CA PHE A 160 4.80 -24.70 -9.02
C PHE A 160 5.72 -23.79 -8.22
N ILE A 161 6.99 -23.76 -8.65
CA ILE A 161 7.94 -22.71 -8.30
C ILE A 161 8.63 -22.34 -9.61
N GLN A 162 8.72 -21.05 -9.90
CA GLN A 162 9.22 -20.62 -11.21
C GLN A 162 10.30 -19.55 -11.09
N VAL A 163 11.51 -19.90 -11.53
CA VAL A 163 12.66 -19.01 -11.40
C VAL A 163 13.07 -18.39 -12.73
N ILE A 164 13.24 -17.08 -12.74
CA ILE A 164 13.75 -16.37 -13.91
C ILE A 164 15.04 -15.65 -13.53
N GLU A 165 16.17 -16.22 -13.94
CA GLU A 165 17.47 -15.67 -13.60
C GLU A 165 17.71 -14.35 -14.32
N LYS A 166 18.69 -13.59 -13.84
CA LYS A 166 19.03 -12.28 -14.42
C LYS A 166 19.29 -12.39 -15.92
N THR A 167 19.81 -13.55 -16.33
CA THR A 167 20.07 -13.83 -17.73
C THR A 167 18.79 -13.74 -18.56
N GLY A 168 17.69 -14.23 -17.99
CA GLY A 168 16.45 -14.41 -18.72
C GLY A 168 16.22 -15.90 -18.84
N LYS A 169 17.22 -16.65 -18.39
CA LYS A 169 17.17 -18.10 -18.36
C LYS A 169 16.08 -18.55 -17.41
N SER A 170 15.00 -19.10 -17.97
CA SER A 170 13.84 -19.46 -17.17
C SER A 170 13.60 -20.97 -17.15
N TYR A 171 13.15 -21.46 -16.00
CA TYR A 171 12.79 -22.86 -15.84
C TYR A 171 11.87 -23.06 -14.63
N THR A 172 11.12 -24.16 -14.62
CA THR A 172 10.14 -24.40 -13.57
C THR A 172 10.55 -25.56 -12.67
N LEU A 173 10.33 -25.40 -11.38
CA LEU A 173 10.66 -26.44 -10.40
C LEU A 173 9.39 -26.86 -9.66
N LYS A 174 8.90 -28.05 -9.95
CA LYS A 174 7.62 -28.51 -9.41
C LYS A 174 7.68 -29.01 -7.97
N SER A 175 8.59 -29.94 -7.71
CA SER A 175 8.62 -30.63 -6.42
C SER A 175 9.77 -30.24 -5.50
N GLU A 176 9.77 -30.79 -4.29
CA GLU A 176 10.80 -30.54 -3.30
C GLU A 176 12.13 -31.14 -3.74
N SER A 177 12.05 -32.24 -4.48
CA SER A 177 13.24 -32.90 -5.00
C SER A 177 13.82 -32.10 -6.15
N GLU A 178 12.94 -31.45 -6.90
CA GLU A 178 13.34 -30.67 -8.06
C GLU A 178 14.12 -29.42 -7.64
N VAL A 179 13.61 -28.72 -6.63
CA VAL A 179 14.29 -27.52 -6.14
C VAL A 179 15.61 -27.88 -5.46
N ASN A 180 15.67 -29.05 -4.84
CA ASN A 180 16.89 -29.51 -4.20
C ASN A 180 18.01 -29.75 -5.20
N SER A 181 17.64 -30.06 -6.44
CA SER A 181 18.59 -30.11 -7.54
C SER A 181 18.94 -28.69 -7.93
N LEU A 182 19.81 -28.07 -7.15
CA LEU A 182 20.04 -26.64 -7.28
C LEU A 182 21.51 -26.25 -7.35
N LYS A 183 21.72 -24.96 -7.60
CA LYS A 183 22.97 -24.30 -7.27
C LYS A 183 22.76 -23.81 -5.84
N GLU A 184 23.73 -24.06 -4.96
CA GLU A 184 23.55 -23.68 -3.56
C GLU A 184 23.62 -22.17 -3.34
N GLU A 185 23.55 -21.42 -4.43
CA GLU A 185 23.51 -19.96 -4.39
C GLU A 185 22.11 -19.46 -4.71
N ILE A 186 21.41 -20.17 -5.59
CA ILE A 186 20.05 -19.78 -5.98
C ILE A 186 19.05 -20.12 -4.87
N LYS A 187 19.45 -20.99 -3.95
CA LYS A 187 18.61 -21.32 -2.81
C LYS A 187 18.44 -20.11 -1.90
N MET A 188 19.42 -19.21 -1.95
CA MET A 188 19.34 -17.95 -1.22
C MET A 188 18.15 -17.15 -1.72
N TYR A 189 18.05 -17.03 -3.04
CA TYR A 189 16.89 -16.40 -3.67
C TYR A 189 15.64 -17.18 -3.32
N MET A 190 15.75 -18.50 -3.27
CA MET A 190 14.62 -19.35 -2.95
C MET A 190 14.19 -19.17 -1.50
N ASP A 191 15.15 -19.14 -0.59
CA ASP A 191 14.85 -19.07 0.84
C ASP A 191 14.43 -17.67 1.28
N HIS A 192 15.02 -16.65 0.66
CA HIS A 192 14.64 -15.28 0.97
C HIS A 192 13.22 -15.01 0.51
N ALA A 193 12.86 -15.57 -0.63
CA ALA A 193 11.51 -15.46 -1.17
C ALA A 193 10.54 -16.23 -0.27
N ASN A 194 10.98 -17.40 0.19
CA ASN A 194 10.15 -18.22 1.06
C ASN A 194 9.93 -17.58 2.43
N GLU A 195 10.92 -16.84 2.90
CA GLU A 195 10.78 -16.10 4.15
C GLU A 195 9.84 -14.93 3.96
N GLY A 196 9.94 -14.29 2.79
CA GLY A 196 9.04 -13.20 2.44
C GLY A 196 7.62 -13.69 2.31
N HIS A 197 7.48 -14.92 1.81
CA HIS A 197 6.17 -15.55 1.71
C HIS A 197 5.63 -15.86 3.10
N ARG A 198 6.51 -16.35 3.96
CA ARG A 198 6.16 -16.65 5.35
C ARG A 198 5.66 -15.40 6.06
N ILE A 199 6.36 -14.28 5.86
CA ILE A 199 6.02 -13.01 6.49
C ILE A 199 4.67 -12.48 6.01
N CYS A 200 4.45 -12.52 4.70
CA CYS A 200 3.21 -12.03 4.10
C CYS A 200 2.00 -12.84 4.56
N LEU A 201 2.14 -14.17 4.58
CA LEU A 201 1.08 -15.03 5.06
C LEU A 201 0.79 -14.75 6.53
N ALA A 202 1.83 -14.45 7.30
CA ALA A 202 1.67 -14.09 8.70
C ALA A 202 1.04 -12.71 8.85
N LEU A 203 1.52 -11.75 8.06
CA LEU A 203 0.98 -10.40 8.07
C LEU A 203 -0.49 -10.38 7.66
N GLU A 204 -0.84 -11.15 6.65
CA GLU A 204 -2.21 -11.24 6.16
C GLU A 204 -3.15 -11.73 7.25
N SER A 205 -2.70 -12.73 8.00
CA SER A 205 -3.53 -13.39 9.00
C SER A 205 -3.92 -12.47 10.16
N ILE A 206 -2.93 -11.78 10.73
CA ILE A 206 -3.20 -10.93 11.90
C ILE A 206 -3.98 -9.67 11.54
N ILE A 207 -3.96 -9.29 10.27
CA ILE A 207 -4.64 -8.08 9.81
C ILE A 207 -6.08 -8.40 9.44
N SER A 208 -6.27 -9.49 8.71
CA SER A 208 -7.61 -9.95 8.37
C SER A 208 -8.38 -10.39 9.60
N GLU A 209 -7.64 -10.77 10.65
CA GLU A 209 -8.23 -11.11 11.93
C GLU A 209 -8.83 -9.87 12.58
N GLU A 210 -8.08 -8.77 12.50
CA GLU A 210 -8.53 -7.49 13.04
C GLU A 210 -9.67 -6.94 12.19
N GLU A 211 -9.73 -7.35 10.93
CA GLU A 211 -10.77 -6.88 10.02
C GLU A 211 -12.12 -7.53 10.34
N ARG A 212 -12.09 -8.78 10.77
CA ARG A 212 -13.31 -9.47 11.20
C ARG A 212 -13.83 -8.83 12.48
N LYS A 213 -12.91 -8.23 13.23
CA LYS A 213 -13.23 -7.55 14.48
C LYS A 213 -13.90 -6.22 14.18
N THR A 214 -13.78 -5.75 12.95
CA THR A 214 -14.28 -4.43 12.57
C THR A 214 -15.40 -4.49 11.54
N ARG A 215 -15.97 -3.33 11.26
CA ARG A 215 -17.00 -3.17 10.26
C ARG A 215 -16.70 -1.94 9.41
N SER A 216 -15.53 -1.95 8.77
CA SER A 216 -15.05 -0.76 8.08
C SER A 216 -14.59 -1.04 6.65
N ALA A 217 -13.98 -0.04 6.03
CA ALA A 217 -13.41 -0.18 4.70
C ALA A 217 -12.34 -1.25 4.72
N PRO A 218 -12.18 -1.99 3.60
CA PRO A 218 -11.25 -3.11 3.51
C PRO A 218 -9.82 -2.77 3.94
N PHE A 219 -9.17 -3.71 4.63
CA PHE A 219 -7.78 -3.53 5.04
C PHE A 219 -6.82 -4.01 3.96
N PHE A 220 -7.30 -4.09 2.73
CA PHE A 220 -6.50 -4.58 1.61
C PHE A 220 -6.88 -3.85 0.33
N PRO A 221 -5.91 -3.66 -0.59
CA PRO A 221 -4.53 -4.14 -0.52
C PRO A 221 -3.64 -3.30 0.41
N ILE A 222 -2.47 -3.84 0.74
CA ILE A 222 -1.50 -3.13 1.58
C ILE A 222 -0.16 -3.03 0.87
N ILE A 223 0.51 -1.90 1.08
CA ILE A 223 1.87 -1.71 0.59
C ILE A 223 2.79 -1.43 1.78
N ILE A 224 3.67 -2.38 2.05
CA ILE A 224 4.52 -2.29 3.23
C ILE A 224 5.97 -1.97 2.88
N GLY A 225 6.51 -0.94 3.53
CA GLY A 225 7.87 -0.51 3.27
C GLY A 225 7.96 0.26 1.97
N ARG A 226 9.17 0.57 1.54
CA ARG A 226 9.36 1.32 0.30
C ARG A 226 10.58 0.81 -0.46
N LYS A 227 10.48 0.84 -1.79
CA LYS A 227 11.59 0.43 -2.65
C LYS A 227 12.79 1.34 -2.45
N PRO A 228 13.91 0.75 -2.00
CA PRO A 228 15.09 1.52 -1.62
C PRO A 228 16.00 1.83 -2.83
N THR B 7 18.98 14.05 36.60
CA THR B 7 18.53 13.69 35.26
C THR B 7 18.67 14.88 34.31
N LEU B 8 19.90 15.22 33.96
CA LEU B 8 20.19 16.33 33.06
C LEU B 8 19.62 16.08 31.66
N ARG B 9 19.56 14.81 31.26
CA ARG B 9 19.12 14.45 29.92
C ARG B 9 17.65 14.77 29.68
N SER B 10 16.89 14.96 30.76
CA SER B 10 15.45 15.15 30.67
C SER B 10 15.03 16.47 29.99
N ILE B 11 15.99 17.20 29.45
CA ILE B 11 15.68 18.34 28.61
C ILE B 11 15.02 17.82 27.33
N THR B 12 15.52 16.70 26.85
CA THR B 12 14.93 16.01 25.70
C THR B 12 15.36 14.56 25.65
N SER B 13 14.45 13.69 25.23
CA SER B 13 14.79 12.30 25.02
C SER B 13 15.60 12.21 23.71
N PRO B 14 16.51 11.24 23.61
CA PRO B 14 17.34 11.09 22.41
C PRO B 14 16.50 10.96 21.14
N LEU B 15 16.90 11.65 20.08
CA LEU B 15 16.13 11.70 18.85
C LEU B 15 16.02 10.34 18.16
N VAL B 16 15.01 10.21 17.31
CA VAL B 16 14.81 8.98 16.55
C VAL B 16 14.57 9.33 15.08
N ALA B 17 15.56 9.07 14.24
CA ALA B 17 15.48 9.45 12.84
C ALA B 17 15.21 8.27 11.91
N HIS B 18 14.84 7.13 12.49
CA HIS B 18 14.54 5.93 11.71
C HIS B 18 13.35 6.16 10.79
N ARG B 19 13.36 5.48 9.64
CA ARG B 19 12.26 5.50 8.67
C ARG B 19 12.10 6.83 7.92
N LEU B 20 12.71 7.89 8.42
CA LEU B 20 12.56 9.21 7.84
C LEU B 20 13.38 9.39 6.56
N LYS B 21 12.78 10.00 5.56
CA LYS B 21 13.49 10.29 4.32
C LYS B 21 14.44 11.48 4.49
N PRO B 22 15.53 11.50 3.71
CA PRO B 22 16.53 12.57 3.83
C PRO B 22 15.97 13.97 3.58
N ILE B 23 16.32 14.90 4.46
CA ILE B 23 15.85 16.29 4.36
C ILE B 23 16.96 17.23 4.80
N ARG B 24 16.92 18.48 4.32
CA ARG B 24 17.94 19.47 4.67
C ARG B 24 17.31 20.85 4.90
N GLN B 25 17.47 21.38 6.12
CA GLN B 25 16.92 22.68 6.48
C GLN B 25 18.01 23.67 6.83
N LYS B 26 18.17 24.69 6.00
CA LYS B 26 19.19 25.72 6.24
C LYS B 26 18.64 26.86 7.10
N THR B 27 19.42 27.27 8.10
CA THR B 27 19.06 28.39 8.95
C THR B 27 20.24 29.36 9.01
N LYS B 28 20.01 30.53 9.62
CA LYS B 28 21.04 31.57 9.69
C LYS B 28 22.31 31.09 10.39
N LYS B 29 22.15 30.22 11.38
CA LYS B 29 23.29 29.79 12.19
C LYS B 29 23.47 28.28 12.24
N ALA B 30 22.63 27.54 11.51
CA ALA B 30 22.72 26.08 11.50
C ALA B 30 22.06 25.43 10.28
N VAL B 31 22.65 24.32 9.82
CA VAL B 31 22.06 23.55 8.74
C VAL B 31 21.75 22.14 9.24
N VAL B 32 20.46 21.88 9.47
CA VAL B 32 20.02 20.57 9.93
C VAL B 32 19.72 19.67 8.76
N SER B 33 20.39 18.52 8.71
CA SER B 33 20.24 17.62 7.57
C SER B 33 20.10 16.16 8.00
N ILE B 34 19.01 15.54 7.55
CA ILE B 34 18.84 14.10 7.68
C ILE B 34 19.42 13.44 6.44
N LEU B 35 20.35 12.52 6.65
CA LEU B 35 21.02 11.86 5.54
C LEU B 35 20.40 10.51 5.27
N ASP B 36 20.81 9.90 4.15
CA ASP B 36 20.62 8.47 3.98
C ASP B 36 21.53 7.84 5.04
N SER B 37 21.12 6.66 5.52
CA SER B 37 21.64 6.02 6.73
C SER B 37 20.99 6.65 7.97
N GLU B 38 20.11 7.61 7.72
CA GLU B 38 19.25 8.20 8.77
C GLU B 38 20.01 8.88 9.89
N GLU B 39 21.15 9.49 9.56
CA GLU B 39 21.92 10.25 10.52
C GLU B 39 21.56 11.73 10.44
N VAL B 40 21.62 12.41 11.59
CA VAL B 40 21.29 13.83 11.64
C VAL B 40 22.55 14.66 11.77
N CYS B 41 22.65 15.70 10.94
CA CYS B 41 23.84 16.56 10.95
C CYS B 41 23.54 18.01 11.28
N VAL B 42 24.12 18.50 12.38
CA VAL B 42 24.02 19.91 12.74
C VAL B 42 25.29 20.64 12.32
N GLU B 43 25.17 21.55 11.35
CA GLU B 43 26.32 22.27 10.85
C GLU B 43 26.31 23.73 11.29
N LEU B 44 27.16 24.08 12.24
CA LEU B 44 27.31 25.46 12.68
C LEU B 44 27.95 26.29 11.57
N VAL B 45 27.13 27.12 10.93
CA VAL B 45 27.59 27.87 9.76
C VAL B 45 28.07 29.27 10.10
N LYS B 46 28.73 29.88 9.13
CA LYS B 46 29.25 31.24 9.23
C LYS B 46 29.70 31.64 7.83
N GLU B 47 29.83 32.93 7.57
CA GLU B 47 30.19 33.38 6.23
C GLU B 47 31.09 34.62 6.24
N TYR B 48 32.04 34.64 5.31
CA TYR B 48 32.94 35.77 5.13
C TYR B 48 32.87 36.23 3.68
N ALA B 49 32.46 37.47 3.47
CA ALA B 49 32.29 38.03 2.13
C ALA B 49 31.32 37.22 1.28
N SER B 50 30.13 36.98 1.83
CA SER B 50 29.05 36.25 1.15
C SER B 50 29.42 34.81 0.77
N GLN B 51 30.48 34.28 1.36
CA GLN B 51 30.87 32.88 1.13
C GLN B 51 30.78 32.09 2.42
N GLU B 52 29.81 31.19 2.48
CA GLU B 52 29.52 30.44 3.71
C GLU B 52 30.49 29.28 3.92
N TYR B 53 30.70 28.91 5.18
CA TYR B 53 31.50 27.75 5.53
C TYR B 53 31.07 27.19 6.88
N VAL B 54 31.70 26.11 7.33
CA VAL B 54 31.29 25.45 8.57
C VAL B 54 32.40 25.39 9.62
N LYS B 55 32.15 26.04 10.76
CA LYS B 55 33.10 26.04 11.87
C LYS B 55 33.00 24.74 12.67
N GLU B 56 31.80 24.16 12.70
CA GLU B 56 31.54 23.01 13.55
C GLU B 56 30.51 22.06 12.93
N VAL B 57 30.70 20.77 13.14
CA VAL B 57 29.78 19.76 12.62
C VAL B 57 29.44 18.71 13.68
N LEU B 58 28.14 18.45 13.85
CA LEU B 58 27.70 17.41 14.77
C LEU B 58 26.99 16.28 14.02
N GLN B 59 27.50 15.06 14.15
CA GLN B 59 26.87 13.88 13.56
C GLN B 59 26.27 13.02 14.65
N ILE B 60 25.00 12.65 14.45
CA ILE B 60 24.25 11.91 15.46
C ILE B 60 23.66 10.65 14.84
N SER B 61 23.77 9.54 15.56
CA SER B 61 23.24 8.25 15.09
C SER B 61 21.72 8.31 14.93
N SER B 62 21.17 7.33 14.23
CA SER B 62 19.73 7.30 13.95
C SER B 62 18.90 7.05 15.21
N ASP B 63 19.54 6.62 16.28
CA ASP B 63 18.83 6.40 17.55
C ASP B 63 19.15 7.48 18.57
N GLY B 64 20.01 8.42 18.19
CA GLY B 64 20.33 9.57 19.02
C GLY B 64 21.20 9.30 20.23
N ASN B 65 21.69 8.06 20.35
CA ASN B 65 22.50 7.69 21.50
C ASN B 65 23.97 8.12 21.39
N THR B 66 24.49 8.15 20.17
CA THR B 66 25.90 8.51 19.97
C THR B 66 26.04 9.80 19.17
N ILE B 67 26.90 10.69 19.64
CA ILE B 67 27.14 11.96 18.94
C ILE B 67 28.62 12.13 18.60
N THR B 68 28.91 12.51 17.36
CA THR B 68 30.28 12.72 16.93
C THR B 68 30.53 14.20 16.62
N ILE B 69 31.51 14.78 17.30
CA ILE B 69 31.82 16.20 17.12
C ILE B 69 33.22 16.40 16.56
N TYR B 70 33.29 17.11 15.45
CA TYR B 70 34.57 17.40 14.83
C TYR B 70 34.56 18.77 14.14
N TYR B 71 35.73 19.37 14.00
CA TYR B 71 35.84 20.71 13.44
C TYR B 71 36.64 20.70 12.13
N PRO B 72 35.93 20.80 11.01
CA PRO B 72 36.48 20.71 9.65
C PRO B 72 37.65 21.65 9.40
N ASN B 73 38.67 21.15 8.70
CA ASN B 73 39.85 21.92 8.33
C ASN B 73 40.62 22.47 9.54
N GLY B 74 40.42 21.85 10.70
CA GLY B 74 41.14 22.23 11.90
C GLY B 74 40.72 23.55 12.50
N GLY B 75 39.58 24.09 12.04
CA GLY B 75 39.10 25.38 12.52
C GLY B 75 39.08 26.40 11.40
N ARG B 76 39.80 26.11 10.32
CA ARG B 76 39.81 26.97 9.14
C ARG B 76 38.45 26.87 8.45
N GLY B 77 37.75 25.76 8.71
CA GLY B 77 36.44 25.54 8.14
C GLY B 77 36.49 25.22 6.66
N PHE B 78 35.36 24.83 6.09
CA PHE B 78 35.28 24.50 4.67
C PHE B 78 34.08 25.15 4.00
N PRO B 79 34.32 25.85 2.88
CA PRO B 79 33.33 26.49 2.03
C PRO B 79 32.06 25.66 1.91
N LEU B 80 30.91 26.30 2.15
CA LEU B 80 29.66 25.58 2.35
C LEU B 80 29.28 24.63 1.23
N ALA B 81 29.08 23.37 1.60
CA ALA B 81 28.60 22.37 0.66
C ALA B 81 27.19 21.94 1.05
N ASP B 82 26.40 21.51 0.08
CA ASP B 82 25.03 21.06 0.33
C ASP B 82 25.03 19.79 1.19
N ARG B 83 25.91 18.85 0.84
CA ARG B 83 26.08 17.63 1.62
C ARG B 83 27.28 17.75 2.54
N PRO B 84 27.06 17.56 3.85
CA PRO B 84 28.08 17.76 4.89
C PRO B 84 29.36 16.94 4.65
N PRO B 85 30.52 17.50 5.03
CA PRO B 85 31.83 16.86 4.79
C PRO B 85 32.10 15.70 5.73
N SER B 86 32.96 14.78 5.30
CA SER B 86 33.35 13.63 6.10
C SER B 86 34.30 14.05 7.22
N PRO B 87 34.30 13.29 8.33
CA PRO B 87 35.20 13.57 9.45
C PRO B 87 36.63 13.16 9.15
N THR B 88 37.59 13.80 9.80
CA THR B 88 38.99 13.40 9.70
C THR B 88 39.27 12.34 10.77
N ASP B 89 40.55 12.14 11.07
CA ASP B 89 40.94 11.27 12.16
C ASP B 89 40.74 12.00 13.47
N ASN B 90 40.69 13.33 13.39
CA ASN B 90 40.47 14.18 14.55
C ASN B 90 39.00 14.32 14.89
N ILE B 91 38.49 13.40 15.69
CA ILE B 91 37.10 13.48 16.14
C ILE B 91 36.99 13.29 17.65
N SER B 92 35.93 13.87 18.21
CA SER B 92 35.54 13.59 19.59
C SER B 92 34.14 12.98 19.59
N ARG B 93 33.91 11.99 20.44
CA ARG B 93 32.64 11.26 20.42
C ARG B 93 32.14 10.99 21.83
N TYR B 94 30.82 11.04 22.00
CA TYR B 94 30.21 10.80 23.31
C TYR B 94 28.91 10.02 23.17
N SER B 95 28.55 9.27 24.20
CA SER B 95 27.23 8.67 24.27
C SER B 95 26.26 9.76 24.71
N PHE B 96 24.96 9.42 24.74
CA PHE B 96 23.95 10.43 25.00
C PHE B 96 24.03 11.05 26.40
N ASP B 97 24.20 10.21 27.42
CA ASP B 97 24.23 10.68 28.80
C ASP B 97 25.46 11.52 29.11
N ASN B 98 26.64 10.94 28.93
CA ASN B 98 27.88 11.63 29.24
C ASN B 98 28.30 12.67 28.20
N LEU B 99 27.32 13.24 27.52
CA LEU B 99 27.55 14.35 26.62
C LEU B 99 27.92 15.57 27.46
N PRO B 100 29.05 16.22 27.14
CA PRO B 100 29.47 17.44 27.85
C PRO B 100 28.39 18.52 27.90
N GLU B 101 28.53 19.46 28.83
CA GLU B 101 27.50 20.46 29.10
C GLU B 101 27.15 21.33 27.88
N LYS B 102 28.13 21.63 27.04
CA LYS B 102 27.84 22.39 25.83
C LYS B 102 27.29 21.46 24.75
N TYR B 103 27.11 22.01 23.55
CA TYR B 103 26.48 21.29 22.44
C TYR B 103 25.03 20.91 22.73
N TRP B 104 24.44 21.54 23.74
CA TRP B 104 23.07 21.23 24.14
C TRP B 104 22.06 22.14 23.46
N ARG B 105 22.50 23.31 23.03
CA ARG B 105 21.69 24.13 22.12
C ARG B 105 21.64 23.38 20.80
N LYS B 106 22.78 22.80 20.45
CA LYS B 106 22.91 21.89 19.32
C LYS B 106 22.40 20.49 19.69
N TYR B 107 22.12 19.69 18.67
CA TYR B 107 21.62 18.33 18.90
C TYR B 107 20.16 18.36 19.34
N GLN B 108 19.89 19.14 20.40
CA GLN B 108 18.51 19.34 20.83
C GLN B 108 17.84 20.10 19.71
N TYR B 109 18.58 21.03 19.12
CA TYR B 109 18.14 21.76 17.95
C TYR B 109 17.74 20.78 16.86
N ALA B 110 18.53 19.72 16.71
CA ALA B 110 18.24 18.66 15.76
C ALA B 110 17.11 17.78 16.27
N SER B 111 17.10 17.54 17.57
CA SER B 111 16.10 16.68 18.19
C SER B 111 14.68 17.23 18.00
N ARG B 112 14.57 18.56 18.01
CA ARG B 112 13.28 19.21 17.78
C ARG B 112 12.99 19.30 16.28
N PHE B 113 14.04 19.21 15.46
CA PHE B 113 13.86 19.20 14.01
C PHE B 113 13.42 17.81 13.54
N VAL B 114 13.96 16.78 14.16
CA VAL B 114 13.57 15.41 13.83
C VAL B 114 12.13 15.16 14.26
N GLN B 115 11.78 15.68 15.43
CA GLN B 115 10.41 15.53 15.97
C GLN B 115 9.39 16.24 15.10
N LEU B 116 9.86 17.18 14.27
CA LEU B 116 9.00 17.91 13.36
C LEU B 116 8.82 17.16 12.04
N VAL B 117 9.90 16.59 11.54
CA VAL B 117 9.85 15.79 10.31
C VAL B 117 9.00 14.54 10.55
N ARG B 118 9.09 13.99 11.75
CA ARG B 118 8.27 12.86 12.14
C ARG B 118 6.80 13.23 12.13
N SER B 119 6.51 14.47 12.53
CA SER B 119 5.14 14.97 12.60
C SER B 119 4.54 15.23 11.22
N LYS B 120 5.37 15.16 10.19
CA LYS B 120 4.90 15.32 8.83
C LYS B 120 5.18 14.08 7.99
N SER B 121 5.73 13.05 8.62
CA SER B 121 6.02 11.80 7.93
C SER B 121 4.92 10.77 8.17
N PRO B 122 4.19 10.40 7.11
CA PRO B 122 3.11 9.41 7.20
C PRO B 122 3.60 8.03 7.57
N LYS B 123 3.04 7.46 8.64
CA LYS B 123 3.39 6.11 9.07
C LYS B 123 2.37 5.11 8.58
N ILE B 124 1.10 5.46 8.72
CA ILE B 124 0.01 4.61 8.25
C ILE B 124 -1.02 5.42 7.45
N THR B 125 -1.31 4.96 6.23
CA THR B 125 -2.30 5.61 5.38
C THR B 125 -3.50 4.71 5.18
N TYR B 126 -4.68 5.18 5.61
CA TYR B 126 -5.89 4.39 5.53
C TYR B 126 -6.93 5.09 4.64
N PHE B 127 -7.21 4.50 3.48
CA PHE B 127 -8.25 5.01 2.60
C PHE B 127 -9.60 4.41 2.97
N THR B 128 -10.60 5.27 3.16
CA THR B 128 -11.95 4.83 3.47
C THR B 128 -12.86 5.05 2.27
N ARG B 129 -14.13 4.72 2.42
CA ARG B 129 -15.13 5.00 1.38
C ARG B 129 -15.33 6.50 1.24
N TYR B 130 -15.09 7.22 2.33
CA TYR B 130 -15.16 8.68 2.33
C TYR B 130 -13.78 9.32 2.22
N ALA B 131 -13.01 9.22 3.30
CA ALA B 131 -11.81 10.04 3.47
C ALA B 131 -10.50 9.30 3.24
N LYS B 132 -9.41 9.98 3.57
CA LYS B 132 -8.07 9.43 3.55
C LYS B 132 -7.39 9.75 4.87
N CYS B 133 -7.16 8.73 5.69
CA CYS B 133 -6.57 8.93 7.02
C CYS B 133 -5.05 8.75 7.00
N ILE B 134 -4.36 9.58 7.78
CA ILE B 134 -2.91 9.49 7.87
C ILE B 134 -2.45 9.58 9.32
N LEU B 135 -1.77 8.54 9.78
CA LEU B 135 -1.15 8.55 11.10
C LEU B 135 0.34 8.84 10.97
N MET B 136 0.79 9.93 11.56
CA MET B 136 2.17 10.36 11.44
C MET B 136 3.12 9.52 12.28
N GLU B 137 4.41 9.82 12.20
CA GLU B 137 5.45 9.02 12.83
C GLU B 137 5.86 9.56 14.20
N ASN B 138 5.37 10.75 14.54
CA ASN B 138 5.80 11.44 15.76
C ASN B 138 5.14 10.95 17.05
N SER B 139 4.94 9.64 17.15
CA SER B 139 4.41 9.03 18.38
C SER B 139 5.35 9.33 19.54
N PRO B 140 4.82 9.39 20.78
CA PRO B 140 3.45 9.09 21.24
C PRO B 140 2.37 10.06 20.73
N GLY B 141 2.67 11.35 20.71
CA GLY B 141 1.72 12.34 20.23
C GLY B 141 1.60 12.31 18.72
N ALA B 142 1.32 11.13 18.18
CA ALA B 142 1.25 10.96 16.73
C ALA B 142 0.12 11.77 16.10
N ASP B 143 0.49 12.69 15.23
CA ASP B 143 -0.47 13.53 14.54
C ASP B 143 -1.37 12.70 13.64
N PHE B 144 -2.62 13.13 13.50
CA PHE B 144 -3.57 12.44 12.63
C PHE B 144 -4.22 13.41 11.67
N GLU B 145 -4.01 13.19 10.38
CA GLU B 145 -4.65 14.02 9.36
C GLU B 145 -5.71 13.22 8.61
N VAL B 146 -6.83 13.87 8.30
CA VAL B 146 -7.92 13.22 7.59
C VAL B 146 -8.28 14.00 6.32
N TRP B 147 -8.24 13.31 5.18
CA TRP B 147 -8.50 13.96 3.89
C TRP B 147 -9.80 13.48 3.25
N PHE B 148 -10.87 14.23 3.46
CA PHE B 148 -12.06 14.06 2.64
C PHE B 148 -11.83 14.94 1.42
N TYR B 149 -12.04 14.41 0.22
CA TYR B 149 -11.77 15.19 -0.98
C TYR B 149 -12.88 16.19 -1.27
N ASP B 150 -13.95 16.14 -0.48
CA ASP B 150 -15.02 17.11 -0.59
C ASP B 150 -14.55 18.48 -0.09
N GLY B 151 -13.54 18.47 0.79
CA GLY B 151 -12.95 19.69 1.28
C GLY B 151 -12.54 19.68 2.74
N VAL B 152 -13.23 18.86 3.54
CA VAL B 152 -13.04 18.87 4.99
C VAL B 152 -11.72 18.21 5.43
N LYS B 153 -11.24 18.59 6.61
CA LYS B 153 -9.98 18.10 7.15
C LYS B 153 -9.98 18.17 8.67
N ILE B 154 -9.30 17.23 9.31
CA ILE B 154 -9.16 17.24 10.77
C ILE B 154 -7.73 16.92 11.20
N HIS B 155 -7.17 17.74 12.09
CA HIS B 155 -5.81 17.54 12.56
C HIS B 155 -5.77 17.28 14.06
N LYS B 156 -5.76 16.00 14.42
CA LYS B 156 -5.65 15.60 15.82
C LYS B 156 -4.18 15.65 16.23
N THR B 157 -3.90 16.06 17.45
CA THR B 157 -2.53 16.28 17.90
C THR B 157 -2.39 16.31 19.43
N GLU B 158 -1.44 17.11 19.90
CA GLU B 158 -1.20 17.28 21.34
C GLU B 158 -2.44 17.83 22.04
N ASP B 159 -3.08 18.82 21.43
CA ASP B 159 -4.24 19.47 22.04
C ASP B 159 -5.27 19.95 21.01
N PHE B 160 -4.84 20.82 20.10
CA PHE B 160 -5.79 21.46 19.20
C PHE B 160 -6.30 20.59 18.04
N ILE B 161 -7.45 19.97 18.24
CA ILE B 161 -8.14 19.28 17.15
C ILE B 161 -8.67 20.34 16.20
N GLN B 162 -8.11 20.38 15.00
CA GLN B 162 -8.44 21.45 14.06
C GLN B 162 -9.43 20.98 13.01
N VAL B 163 -10.33 21.87 12.61
CA VAL B 163 -11.34 21.57 11.60
C VAL B 163 -11.24 22.55 10.42
N ILE B 164 -11.47 22.05 9.22
CA ILE B 164 -11.46 22.91 8.03
C ILE B 164 -12.76 22.76 7.25
N GLU B 165 -13.45 23.88 7.08
CA GLU B 165 -14.62 23.93 6.22
C GLU B 165 -14.11 23.66 4.80
N LYS B 166 -14.99 23.19 3.93
CA LYS B 166 -14.59 22.61 2.66
C LYS B 166 -13.79 23.58 1.79
N THR B 167 -14.19 24.85 1.83
CA THR B 167 -13.47 25.87 1.11
C THR B 167 -12.71 26.96 1.85
N GLY B 168 -11.44 26.67 2.08
CA GLY B 168 -10.39 27.66 2.31
C GLY B 168 -10.95 28.25 3.57
N LYS B 169 -12.05 27.65 4.01
CA LYS B 169 -12.70 28.03 5.26
C LYS B 169 -12.09 27.23 6.40
N SER B 170 -12.32 27.66 7.63
CA SER B 170 -11.70 26.99 8.78
C SER B 170 -12.28 27.42 10.14
N TYR B 171 -12.13 26.52 11.11
CA TYR B 171 -12.46 26.78 12.50
C TYR B 171 -11.38 26.16 13.36
N THR B 172 -11.65 25.98 14.65
CA THR B 172 -10.69 25.34 15.54
C THR B 172 -11.34 24.79 16.80
N LEU B 173 -10.53 24.20 17.68
CA LEU B 173 -11.01 23.52 18.87
C LEU B 173 -9.85 23.19 19.80
N LYS B 174 -10.13 23.12 21.11
CA LYS B 174 -9.11 22.76 22.09
C LYS B 174 -9.39 21.47 22.87
N SER B 175 -10.39 21.50 23.75
CA SER B 175 -10.63 20.38 24.67
C SER B 175 -11.72 19.42 24.19
N GLU B 176 -12.02 18.41 25.02
CA GLU B 176 -12.95 17.35 24.65
C GLU B 176 -14.12 17.26 25.62
N SER B 177 -14.76 18.39 25.90
CA SER B 177 -15.96 18.41 26.73
C SER B 177 -17.06 19.27 26.11
N GLU B 178 -16.65 20.32 25.38
CA GLU B 178 -17.60 21.30 24.86
C GLU B 178 -17.82 21.20 23.35
N VAL B 179 -16.91 21.79 22.58
CA VAL B 179 -17.08 21.97 21.14
C VAL B 179 -17.17 20.65 20.36
N ASN B 180 -16.98 19.53 21.04
CA ASN B 180 -17.34 18.23 20.48
C ASN B 180 -18.85 18.14 20.34
N SER B 181 -19.55 19.07 20.99
CA SER B 181 -20.98 19.24 20.81
C SER B 181 -21.26 20.57 20.10
N LEU B 182 -20.67 20.71 18.91
CA LEU B 182 -20.93 21.85 18.04
C LEU B 182 -20.91 21.36 16.60
N LYS B 183 -21.61 22.06 15.70
CA LYS B 183 -21.58 21.71 14.28
C LYS B 183 -21.97 20.24 14.03
N GLU B 184 -23.03 19.79 14.69
CA GLU B 184 -23.37 18.38 14.76
C GLU B 184 -23.47 17.78 13.36
N GLU B 185 -24.07 18.50 12.41
CA GLU B 185 -23.97 18.10 11.02
C GLU B 185 -22.52 17.93 10.58
N ILE B 186 -21.58 18.34 11.43
CA ILE B 186 -20.16 18.16 11.18
C ILE B 186 -19.54 17.30 12.29
N LYS B 187 -20.29 17.14 13.38
CA LYS B 187 -19.88 16.27 14.49
C LYS B 187 -19.57 14.86 13.99
N MET B 188 -20.23 14.45 12.92
CA MET B 188 -20.05 13.12 12.34
C MET B 188 -18.67 12.90 11.75
N TYR B 189 -17.80 13.89 11.84
CA TYR B 189 -16.44 13.78 11.31
C TYR B 189 -15.44 13.47 12.42
N MET B 190 -15.52 14.21 13.52
CA MET B 190 -14.73 13.93 14.71
C MET B 190 -15.01 12.50 15.18
N ASP B 191 -16.28 12.13 15.19
CA ASP B 191 -16.69 10.78 15.52
C ASP B 191 -16.16 9.78 14.50
N HIS B 192 -16.06 10.22 13.24
CA HIS B 192 -15.55 9.38 12.17
C HIS B 192 -14.02 9.30 12.23
N ALA B 193 -13.39 10.43 12.47
CA ALA B 193 -11.93 10.50 12.55
C ALA B 193 -11.40 9.72 13.76
N ASN B 194 -12.13 9.81 14.87
CA ASN B 194 -11.74 9.10 16.10
C ASN B 194 -11.82 7.59 15.89
N GLU B 195 -12.71 7.17 14.99
CA GLU B 195 -12.81 5.77 14.61
C GLU B 195 -11.58 5.35 13.82
N GLY B 196 -11.26 6.13 12.79
CA GLY B 196 -10.07 5.89 11.98
C GLY B 196 -8.80 6.02 12.80
N HIS B 197 -8.81 6.93 13.76
CA HIS B 197 -7.68 7.10 14.67
C HIS B 197 -7.53 5.84 15.52
N ARG B 198 -8.66 5.27 15.91
CA ARG B 198 -8.66 4.06 16.73
C ARG B 198 -8.17 2.87 15.92
N ILE B 199 -8.55 2.82 14.65
CA ILE B 199 -8.16 1.73 13.76
C ILE B 199 -6.68 1.82 13.41
N CYS B 200 -6.22 3.01 13.06
CA CYS B 200 -4.83 3.22 12.69
C CYS B 200 -3.88 3.04 13.87
N LEU B 201 -4.41 3.21 15.08
CA LEU B 201 -3.61 2.97 16.29
C LEU B 201 -3.56 1.48 16.59
N ALA B 202 -4.67 0.79 16.34
CA ALA B 202 -4.76 -0.65 16.56
C ALA B 202 -3.86 -1.39 15.58
N LEU B 203 -3.85 -0.93 14.33
CA LEU B 203 -3.05 -1.54 13.30
C LEU B 203 -1.55 -1.32 13.51
N GLU B 204 -1.19 -0.14 14.04
CA GLU B 204 0.20 0.10 14.38
C GLU B 204 0.64 -0.84 15.49
N SER B 205 -0.22 -1.00 16.49
CA SER B 205 0.07 -1.86 17.63
C SER B 205 0.34 -3.32 17.24
N ILE B 206 -0.60 -3.92 16.51
CA ILE B 206 -0.50 -5.34 16.16
C ILE B 206 0.58 -5.64 15.14
N ILE B 207 0.85 -4.69 14.24
CA ILE B 207 1.86 -4.88 13.22
C ILE B 207 3.25 -4.67 13.83
N SER B 208 3.35 -3.75 14.78
CA SER B 208 4.62 -3.50 15.45
C SER B 208 5.09 -4.71 16.25
N GLU B 209 4.14 -5.47 16.78
CA GLU B 209 4.47 -6.65 17.56
C GLU B 209 5.00 -7.78 16.68
N GLU B 210 4.41 -7.95 15.49
CA GLU B 210 4.91 -8.94 14.54
C GLU B 210 6.29 -8.55 14.03
N GLU B 211 6.52 -7.24 13.92
CA GLU B 211 7.81 -6.73 13.48
C GLU B 211 8.86 -6.95 14.56
N ARG B 212 8.40 -7.00 15.81
CA ARG B 212 9.29 -7.16 16.95
C ARG B 212 9.74 -8.61 17.08
N LYS B 213 8.90 -9.54 16.64
CA LYS B 213 9.21 -10.96 16.74
C LYS B 213 10.31 -11.39 15.77
N THR B 214 10.29 -10.83 14.56
CA THR B 214 11.16 -11.34 13.50
C THR B 214 12.32 -10.42 13.10
N ARG B 215 12.97 -10.77 11.98
CA ARG B 215 14.25 -10.20 11.60
C ARG B 215 14.18 -9.20 10.44
N SER B 216 13.27 -9.43 9.50
CA SER B 216 13.35 -8.78 8.18
C SER B 216 13.07 -7.27 8.15
N ALA B 217 12.87 -6.77 6.92
CA ALA B 217 12.70 -5.36 6.62
C ALA B 217 11.59 -4.67 7.43
N PRO B 218 11.68 -3.33 7.60
CA PRO B 218 10.70 -2.56 8.37
C PRO B 218 9.26 -2.78 7.90
N PHE B 219 8.33 -2.78 8.85
CA PHE B 219 6.92 -2.95 8.54
C PHE B 219 6.22 -1.62 8.35
N PHE B 220 7.00 -0.54 8.41
CA PHE B 220 6.46 0.81 8.25
C PHE B 220 7.31 1.61 7.27
N PRO B 221 6.68 2.52 6.51
CA PRO B 221 5.25 2.84 6.56
C PRO B 221 4.40 1.88 5.73
N ILE B 222 3.09 1.93 5.95
CA ILE B 222 2.14 1.12 5.18
C ILE B 222 1.07 1.97 4.54
N ILE B 223 0.48 1.46 3.47
CA ILE B 223 -0.63 2.12 2.80
C ILE B 223 -1.80 1.17 2.72
N ILE B 224 -2.87 1.47 3.46
CA ILE B 224 -4.06 0.62 3.49
C ILE B 224 -5.15 1.12 2.56
N GLY B 225 -5.66 0.23 1.71
CA GLY B 225 -6.77 0.54 0.84
C GLY B 225 -6.42 1.32 -0.42
N ARG B 226 -7.43 1.68 -1.19
CA ARG B 226 -7.22 2.37 -2.46
C ARG B 226 -7.98 3.69 -2.52
N LYS B 227 -7.57 4.56 -3.45
CA LYS B 227 -8.21 5.85 -3.64
C LYS B 227 -9.59 5.69 -4.27
N PRO B 228 -10.61 6.34 -3.68
CA PRO B 228 -11.98 6.26 -4.18
C PRO B 228 -12.31 7.40 -5.14
N GLU C 15 5.11 11.22 -1.78
CA GLU C 15 5.77 10.09 -1.14
C GLU C 15 5.28 8.76 -1.73
N ASP C 16 4.48 8.85 -2.79
CA ASP C 16 3.93 7.66 -3.43
C ASP C 16 4.29 7.59 -4.91
N GLU C 17 4.34 6.38 -5.45
CA GLU C 17 4.69 6.18 -6.86
C GLU C 17 3.59 5.44 -7.60
N GLU C 18 3.75 5.33 -8.92
CA GLU C 18 2.75 4.66 -9.75
C GLU C 18 3.23 3.29 -10.21
N TYR C 19 2.77 2.89 -11.38
CA TYR C 19 3.14 1.61 -11.98
C TYR C 19 4.63 1.52 -12.28
N ASP C 20 5.28 0.49 -11.75
CA ASP C 20 6.64 0.16 -12.16
C ASP C 20 6.63 -0.97 -13.20
N GLU C 21 7.78 -1.59 -13.42
CA GLU C 21 7.85 -2.69 -14.39
C GLU C 21 7.05 -3.90 -13.91
N GLU C 22 7.10 -4.17 -12.61
CA GLU C 22 6.42 -5.31 -12.03
C GLU C 22 4.92 -5.20 -12.27
N ASP C 23 4.41 -3.98 -12.18
CA ASP C 23 2.99 -3.72 -12.38
C ASP C 23 2.55 -3.92 -13.83
N TYR C 24 3.27 -3.30 -14.77
CA TYR C 24 2.94 -3.39 -16.18
C TYR C 24 3.05 -4.81 -16.72
N GLU C 25 4.04 -5.55 -16.22
CA GLU C 25 4.25 -6.94 -16.62
C GLU C 25 3.09 -7.81 -16.14
N ARG C 26 2.61 -7.51 -14.93
CA ARG C 26 1.50 -8.26 -14.34
C ARG C 26 0.20 -7.97 -15.08
N GLU C 27 0.02 -6.70 -15.45
CA GLU C 27 -1.19 -6.29 -16.15
C GLU C 27 -1.25 -6.92 -17.54
N LYS C 28 -0.08 -7.17 -18.12
CA LYS C 28 0.02 -7.74 -19.44
C LYS C 28 -0.23 -9.25 -19.41
N GLU C 29 0.29 -9.91 -18.37
CA GLU C 29 0.06 -11.33 -18.17
C GLU C 29 -1.43 -11.61 -17.97
N LEU C 30 -2.11 -10.65 -17.35
CA LEU C 30 -3.55 -10.75 -17.13
C LEU C 30 -4.27 -10.70 -18.48
N GLN C 31 -3.87 -9.75 -19.30
CA GLN C 31 -4.46 -9.57 -20.63
C GLN C 31 -4.33 -10.84 -21.46
N GLN C 32 -3.15 -11.45 -21.44
CA GLN C 32 -2.92 -12.69 -22.15
C GLN C 32 -3.79 -13.82 -21.59
N LEU C 33 -3.93 -13.83 -20.28
CA LEU C 33 -4.70 -14.86 -19.59
C LEU C 33 -6.19 -14.78 -19.90
N LEU C 34 -6.70 -13.55 -19.94
CA LEU C 34 -8.11 -13.33 -20.25
C LEU C 34 -8.41 -13.60 -21.71
N THR C 35 -7.38 -13.54 -22.55
CA THR C 35 -7.54 -13.84 -23.96
C THR C 35 -7.58 -15.36 -24.15
N ASP C 36 -6.80 -16.08 -23.35
CA ASP C 36 -6.73 -17.54 -23.42
C ASP C 36 -7.94 -18.18 -22.78
N LEU C 37 -8.81 -17.36 -22.21
CA LEU C 37 -10.03 -17.83 -21.59
C LEU C 37 -10.93 -18.46 -22.66
N PRO C 38 -11.39 -19.67 -22.38
CA PRO C 38 -12.18 -20.31 -23.40
C PRO C 38 -13.32 -19.35 -23.60
N HIS C 39 -13.46 -18.95 -24.85
CA HIS C 39 -14.60 -18.15 -25.31
C HIS C 39 -15.72 -19.01 -25.89
N ASP C 40 -15.45 -20.29 -26.08
CA ASP C 40 -16.45 -21.22 -26.57
C ASP C 40 -17.20 -21.89 -25.42
N MET C 41 -17.27 -21.18 -24.29
CA MET C 41 -18.09 -21.63 -23.17
C MET C 41 -19.29 -20.71 -23.02
N LEU C 42 -19.26 -19.61 -23.75
CA LEU C 42 -20.39 -18.69 -23.82
C LEU C 42 -21.29 -19.08 -24.99
N ASP C 43 -20.97 -20.22 -25.60
CA ASP C 43 -21.81 -20.80 -26.65
C ASP C 43 -23.12 -21.27 -26.04
N ASP C 44 -24.22 -21.01 -26.75
CA ASP C 44 -25.54 -21.28 -26.21
C ASP C 44 -26.21 -22.52 -26.81
N ASP C 45 -27.47 -22.73 -26.39
CA ASP C 45 -28.26 -23.91 -26.77
C ASP C 45 -27.57 -25.22 -26.42
N LEU C 46 -27.82 -25.68 -25.20
CA LEU C 46 -27.30 -26.96 -24.73
C LEU C 46 -28.42 -27.98 -24.55
N SER C 47 -29.67 -27.49 -24.68
CA SER C 47 -30.88 -28.31 -24.53
C SER C 47 -30.95 -29.05 -23.20
#